data_4I5P
#
_entry.id   4I5P
#
_cell.length_a   103.871
_cell.length_b   60.114
_cell.length_c   52.951
_cell.angle_alpha   90.00
_cell.angle_beta   106.77
_cell.angle_gamma   90.00
#
_symmetry.space_group_name_H-M   'C 1 2 1'
#
loop_
_entity.id
_entity.type
_entity.pdbx_description
1 polymer 'Serine/threonine-protein kinase PLK2'
2 non-polymer (7R)-8-cyclopentyl-7-ethyl-5-methyl-2-(1H-pyrrol-2-yl)-7,8-dihydropteridin-6(5H)-one
3 water water
#
_entity_poly.entity_id   1
_entity_poly.type   'polypeptide(L)'
_entity_poly.pdbx_seq_one_letter_code
;MMHHHHHHHHSHSGPEISRIIVDPTTGKRYSRGKTLGKGGFAKCYEMTDLTNNKVYAAKIIPHSRVSKPHQREKIDKEIE
LHRILHHKHVVQFYHYFEDKENIYILLEYCSRRSMAHILKARKVLTEPEVRYYLRQIVSGLKYLHEQEILHRDLKLGNFF
INESMELKVGDFGLAARLEPLEHRRRTICGTPNYLSPEVLNKQGHGAESDIWALGCVMYTMLLGRPPFETTNLKETYRSI
REARYTMPSSLLAPAKHLIASMLSKNPEDRPSLDDIIRHDFFTQGFTPDRLSSSCCHTVPDFHLSSPA
;
_entity_poly.pdbx_strand_id   A
#
loop_
_chem_comp.id
_chem_comp.type
_chem_comp.name
_chem_comp.formula
1D1 non-polymer (7R)-8-cyclopentyl-7-ethyl-5-methyl-2-(1H-pyrrol-2-yl)-7,8-dihydropteridin-6(5H)-one 'C18 H23 N5 O'
#
# COMPACT_ATOMS: atom_id res chain seq x y z
N ARG A 19 -13.44 25.35 -10.12
CA ARG A 19 -13.28 26.26 -8.95
C ARG A 19 -11.80 26.53 -8.66
N ILE A 20 -11.48 27.81 -8.48
CA ILE A 20 -10.12 28.23 -8.14
C ILE A 20 -9.90 28.10 -6.64
N ILE A 21 -8.83 27.41 -6.26
CA ILE A 21 -8.39 27.33 -4.87
C ILE A 21 -7.02 28.03 -4.76
N VAL A 22 -6.93 29.00 -3.86
CA VAL A 22 -5.68 29.74 -3.66
C VAL A 22 -5.03 29.35 -2.35
N ASP A 23 -3.72 29.10 -2.40
CA ASP A 23 -2.95 28.84 -1.20
C ASP A 23 -2.66 30.16 -0.47
N PRO A 24 -3.30 30.40 0.70
CA PRO A 24 -3.16 31.69 1.37
C PRO A 24 -1.75 31.99 1.87
N THR A 25 -0.91 30.97 2.00
CA THR A 25 0.49 31.16 2.43
C THR A 25 1.44 31.60 1.30
N THR A 26 1.12 31.24 0.07
CA THR A 26 2.01 31.43 -1.08
C THR A 26 1.49 32.27 -2.28
N GLY A 27 0.18 32.30 -2.43
CA GLY A 27 -0.41 32.89 -3.61
C GLY A 27 -0.83 31.99 -4.72
N LYS A 28 -0.42 30.77 -4.61
CA LYS A 28 -0.33 29.83 -5.66
C LYS A 28 -1.73 29.43 -5.95
N ARG A 29 -2.00 29.30 -7.25
CA ARG A 29 -3.39 29.00 -7.63
C ARG A 29 -3.58 27.60 -8.19
N TYR A 30 -4.70 26.99 -7.82
CA TYR A 30 -5.05 25.64 -8.24
C TYR A 30 -6.47 25.64 -8.78
N SER A 31 -6.74 24.72 -9.69
CA SER A 31 -8.10 24.52 -10.22
C SER A 31 -8.58 23.13 -9.85
N ARG A 32 -9.74 23.06 -9.17
CA ARG A 32 -10.31 21.78 -8.78
C ARG A 32 -11.16 21.19 -9.91
N GLY A 33 -10.85 19.94 -10.25
CA GLY A 33 -11.59 19.23 -11.28
C GLY A 33 -12.63 18.30 -10.70
N LYS A 34 -12.82 17.16 -11.36
CA LYS A 34 -13.84 16.18 -11.01
C LYS A 34 -13.47 15.43 -9.74
N THR A 35 -14.48 14.97 -9.00
CA THR A 35 -14.26 14.12 -7.82
C THR A 35 -13.69 12.75 -8.20
N LEU A 36 -12.88 12.20 -7.29
CA LEU A 36 -12.27 10.88 -7.47
C LEU A 36 -12.83 9.88 -6.46
N GLY A 37 -13.51 10.39 -5.44
CA GLY A 37 -14.19 9.56 -4.45
C GLY A 37 -13.74 9.80 -3.03
N LYS A 38 -14.31 9.01 -2.12
CA LYS A 38 -14.01 9.09 -0.68
C LYS A 38 -12.69 8.40 -0.33
N GLY A 39 -11.94 9.02 0.56
CA GLY A 39 -10.72 8.44 1.09
C GLY A 39 -10.60 8.67 2.59
N GLY A 40 -11.42 7.96 3.36
CA GLY A 40 -11.48 8.13 4.81
C GLY A 40 -11.94 9.51 5.23
N PHE A 41 -11.00 10.27 5.79
CA PHE A 41 -11.25 11.65 6.24
C PHE A 41 -11.40 12.61 5.06
N ALA A 42 -10.99 12.15 3.88
CA ALA A 42 -10.88 13.01 2.70
C ALA A 42 -11.97 12.78 1.66
N LYS A 43 -12.38 13.88 1.02
CA LYS A 43 -13.03 13.84 -0.28
C LYS A 43 -11.92 14.10 -1.29
N CYS A 44 -11.82 13.26 -2.32
CA CYS A 44 -10.71 13.35 -3.27
C CYS A 44 -11.11 13.90 -4.63
N TYR A 45 -10.23 14.74 -5.20
CA TYR A 45 -10.50 15.46 -6.44
C TYR A 45 -9.26 15.60 -7.32
N GLU A 46 -9.48 15.70 -8.63
CA GLU A 46 -8.47 16.22 -9.53
C GLU A 46 -8.15 17.64 -9.08
N MET A 47 -6.87 17.97 -9.06
CA MET A 47 -6.44 19.32 -8.71
C MET A 47 -5.25 19.73 -9.57
N THR A 48 -5.43 20.79 -10.35
CA THR A 48 -4.39 21.28 -11.24
C THR A 48 -3.66 22.47 -10.65
N ASP A 49 -2.33 22.34 -10.58
CA ASP A 49 -1.44 23.43 -10.25
C ASP A 49 -1.32 24.33 -11.49
N LEU A 50 -1.88 25.53 -11.40
CA LEU A 50 -1.96 26.42 -12.55
C LEU A 50 -0.60 26.99 -12.99
N THR A 51 0.44 26.75 -12.22
CA THR A 51 1.71 27.37 -12.55
C THR A 51 2.76 26.41 -13.20
N ASN A 52 2.78 25.09 -12.87
CA ASN A 52 2.85 24.11 -14.08
C ASN A 52 1.82 23.44 -14.99
N ASN A 53 0.52 23.68 -14.80
CA ASN A 53 -0.52 22.92 -15.56
C ASN A 53 -0.44 21.39 -15.47
N LYS A 54 -0.01 20.89 -14.33
CA LYS A 54 -0.01 19.45 -14.09
C LYS A 54 -1.16 19.07 -13.15
N VAL A 55 -1.79 17.93 -13.42
CA VAL A 55 -2.91 17.45 -12.63
C VAL A 55 -2.44 16.47 -11.56
N TYR A 56 -2.97 16.64 -10.36
CA TYR A 56 -2.67 15.78 -9.22
C TYR A 56 -3.96 15.18 -8.69
N ALA A 57 -3.84 14.06 -7.99
CA ALA A 57 -4.96 13.52 -7.23
C ALA A 57 -4.85 14.12 -5.84
N ALA A 58 -5.85 14.87 -5.44
CA ALA A 58 -5.79 15.55 -4.15
C ALA A 58 -6.78 14.99 -3.13
N LYS A 59 -6.30 14.86 -1.89
CA LYS A 59 -7.16 14.61 -0.76
C LYS A 59 -7.56 15.95 -0.16
N ILE A 60 -8.86 16.19 -0.06
CA ILE A 60 -9.36 17.40 0.58
C ILE A 60 -10.08 17.06 1.87
N ILE A 61 -9.48 17.46 2.98
CA ILE A 61 -9.99 17.13 4.32
C ILE A 61 -10.45 18.39 5.05
N PRO A 62 -11.77 18.55 5.26
CA PRO A 62 -12.28 19.66 6.05
C PRO A 62 -11.75 19.59 7.48
N HIS A 63 -11.50 20.75 8.09
CA HIS A 63 -10.94 20.81 9.45
C HIS A 63 -11.86 20.17 10.48
N SER A 64 -13.16 20.16 10.17
CA SER A 64 -14.18 19.51 11.00
C SER A 64 -13.88 18.03 11.23
N ARG A 65 -13.35 17.35 10.22
CA ARG A 65 -13.00 15.93 10.32
C ARG A 65 -11.75 15.69 11.17
N VAL A 66 -11.00 16.75 11.46
CA VAL A 66 -9.79 16.63 12.26
C VAL A 66 -9.78 17.54 13.50
N SER A 67 -10.97 17.78 14.06
CA SER A 67 -11.14 18.65 15.23
C SER A 67 -10.52 18.10 16.51
N LYS A 68 -10.48 16.77 16.64
CA LYS A 68 -9.86 16.12 17.79
C LYS A 68 -8.34 16.09 17.63
N PRO A 69 -7.60 16.32 18.73
CA PRO A 69 -6.12 16.36 18.70
C PRO A 69 -5.47 15.11 18.10
N HIS A 70 -6.05 13.94 18.35
CA HIS A 70 -5.46 12.67 17.87
C HIS A 70 -5.54 12.52 16.35
N GLN A 71 -6.67 12.91 15.76
CA GLN A 71 -6.84 12.87 14.31
C GLN A 71 -6.10 14.00 13.60
N ARG A 72 -5.91 15.11 14.32
CA ARG A 72 -5.07 16.20 13.84
C ARG A 72 -3.63 15.72 13.73
N GLU A 73 -3.19 15.01 14.77
CA GLU A 73 -1.86 14.40 14.81
C GLU A 73 -1.71 13.31 13.73
N LYS A 74 -2.83 12.66 13.40
CA LYS A 74 -2.82 11.59 12.40
C LYS A 74 -2.46 12.08 10.98
N ILE A 75 -3.09 13.16 10.51
CA ILE A 75 -2.73 13.68 9.18
C ILE A 75 -1.33 14.29 9.19
N ASP A 76 -1.01 15.01 10.26
CA ASP A 76 0.30 15.64 10.41
C ASP A 76 1.44 14.63 10.29
N LYS A 77 1.24 13.48 10.88
CA LYS A 77 2.20 12.43 10.78
C LYS A 77 2.32 11.85 9.37
N GLU A 78 1.17 11.58 8.79
CA GLU A 78 1.12 11.13 7.40
C GLU A 78 1.85 12.09 6.46
N ILE A 79 1.56 13.39 6.60
CA ILE A 79 2.20 14.42 5.79
C ILE A 79 3.71 14.46 6.05
N GLU A 80 4.08 14.50 7.33
CA GLU A 80 5.48 14.56 7.77
C GLU A 80 6.31 13.42 7.17
N LEU A 81 5.76 12.22 7.18
CA LEU A 81 6.45 11.03 6.69
C LEU A 81 6.45 10.94 5.15
N HIS A 82 5.28 11.16 4.55
CA HIS A 82 5.13 11.04 3.09
C HIS A 82 5.96 12.07 2.33
N ARG A 83 6.01 13.30 2.83
CA ARG A 83 6.63 14.42 2.09
C ARG A 83 8.13 14.27 1.83
N ILE A 84 8.79 13.38 2.58
CA ILE A 84 10.24 13.16 2.41
C ILE A 84 10.59 12.01 1.46
N LEU A 85 9.56 11.31 0.99
CA LEU A 85 9.77 10.15 0.13
C LEU A 85 9.85 10.54 -1.33
N HIS A 86 10.85 9.99 -2.03
CA HIS A 86 11.01 10.15 -3.47
CA HIS A 86 11.02 10.16 -3.46
C HIS A 86 11.51 8.85 -4.08
N HIS A 87 10.59 8.12 -4.72
CA HIS A 87 10.93 6.84 -5.33
C HIS A 87 9.88 6.50 -6.37
N LYS A 88 10.33 5.92 -7.48
CA LYS A 88 9.51 5.52 -8.61
C LYS A 88 8.33 4.61 -8.27
N HIS A 89 8.43 3.83 -7.20
CA HIS A 89 7.34 2.93 -6.82
C HIS A 89 6.72 3.26 -5.46
N VAL A 90 6.81 4.54 -5.12
CA VAL A 90 6.10 5.12 -4.00
C VAL A 90 5.34 6.31 -4.57
N VAL A 91 4.04 6.37 -4.27
CA VAL A 91 3.22 7.51 -4.66
C VAL A 91 3.99 8.79 -4.33
N GLN A 92 4.16 9.65 -5.33
CA GLN A 92 4.96 10.86 -5.15
C GLN A 92 4.14 11.97 -4.50
N PHE A 93 4.52 12.31 -3.27
CA PHE A 93 3.96 13.45 -2.57
C PHE A 93 4.38 14.69 -3.36
N TYR A 94 3.41 15.54 -3.72
CA TYR A 94 3.72 16.77 -4.42
C TYR A 94 3.81 17.94 -3.45
N HIS A 95 2.65 18.30 -2.90
CA HIS A 95 2.55 19.46 -2.02
C HIS A 95 1.30 19.39 -1.15
N TYR A 96 1.36 20.06 -0.01
CA TYR A 96 0.23 20.21 0.90
C TYR A 96 0.13 21.65 1.38
N PHE A 97 -1.09 22.11 1.58
CA PHE A 97 -1.36 23.40 2.19
C PHE A 97 -2.74 23.39 2.86
N GLU A 98 -3.02 24.43 3.63
CA GLU A 98 -4.30 24.58 4.32
C GLU A 98 -4.89 25.96 4.09
N ASP A 99 -6.21 26.04 4.05
CA ASP A 99 -6.89 27.33 4.16
C ASP A 99 -7.83 27.30 5.37
N LYS A 100 -8.77 28.24 5.45
CA LYS A 100 -9.72 28.27 6.57
C LYS A 100 -10.67 27.07 6.60
N GLU A 101 -10.93 26.46 5.45
CA GLU A 101 -11.89 25.35 5.34
C GLU A 101 -11.27 23.95 5.35
N ASN A 102 -10.17 23.78 4.62
CA ASN A 102 -9.65 22.45 4.30
C ASN A 102 -8.14 22.29 4.43
N ILE A 103 -7.72 21.04 4.58
CA ILE A 103 -6.36 20.60 4.31
C ILE A 103 -6.36 20.01 2.91
N TYR A 104 -5.35 20.36 2.11
CA TYR A 104 -5.18 19.81 0.76
C TYR A 104 -3.85 19.05 0.68
N ILE A 105 -3.92 17.80 0.25
CA ILE A 105 -2.71 16.99 0.01
C ILE A 105 -2.71 16.57 -1.46
N LEU A 106 -1.74 17.07 -2.23
CA LEU A 106 -1.69 16.78 -3.65
C LEU A 106 -0.70 15.66 -3.91
N LEU A 107 -1.19 14.59 -4.55
CA LEU A 107 -0.41 13.38 -4.77
C LEU A 107 -0.33 12.99 -6.24
N GLU A 108 0.65 12.16 -6.56
CA GLU A 108 0.81 11.60 -7.89
C GLU A 108 -0.51 11.01 -8.39
N TYR A 109 -0.94 11.49 -9.56
CA TYR A 109 -2.18 11.07 -10.20
C TYR A 109 -1.99 9.70 -10.85
N CYS A 110 -2.78 8.72 -10.41
CA CYS A 110 -2.68 7.35 -10.88
C CYS A 110 -3.97 6.93 -11.57
N SER A 111 -4.02 7.09 -12.89
CA SER A 111 -5.27 7.06 -13.65
C SER A 111 -5.95 5.70 -13.73
N ARG A 112 -5.24 4.63 -13.37
CA ARG A 112 -5.78 3.28 -13.49
C ARG A 112 -6.11 2.64 -12.14
N ARG A 113 -6.41 3.50 -11.18
CA ARG A 113 -6.95 3.13 -9.87
C ARG A 113 -5.97 2.30 -9.05
N SER A 114 -6.43 1.20 -8.46
CA SER A 114 -5.59 0.38 -7.59
C SER A 114 -5.68 -1.09 -7.98
N MET A 115 -4.75 -1.88 -7.43
CA MET A 115 -4.81 -3.33 -7.59
C MET A 115 -6.09 -3.94 -7.02
N ALA A 116 -6.72 -3.26 -6.08
CA ALA A 116 -8.01 -3.75 -5.52
C ALA A 116 -9.09 -3.77 -6.61
N HIS A 117 -9.15 -2.69 -7.40
CA HIS A 117 -10.10 -2.58 -8.50
C HIS A 117 -9.80 -3.61 -9.58
N ILE A 118 -8.51 -3.79 -9.90
CA ILE A 118 -8.07 -4.76 -10.89
C ILE A 118 -8.45 -6.18 -10.46
N LEU A 119 -8.09 -6.58 -9.25
CA LEU A 119 -8.42 -7.92 -8.75
C LEU A 119 -9.93 -8.17 -8.65
N LYS A 120 -10.70 -7.14 -8.32
CA LYS A 120 -12.16 -7.26 -8.32
C LYS A 120 -12.68 -7.67 -9.70
N ALA A 121 -12.11 -7.05 -10.75
CA ALA A 121 -12.50 -7.35 -12.13
C ALA A 121 -11.98 -8.71 -12.61
N ARG A 122 -10.75 -9.05 -12.24
CA ARG A 122 -10.07 -10.23 -12.76
C ARG A 122 -10.25 -11.49 -11.91
N LYS A 123 -10.56 -11.29 -10.62
CA LYS A 123 -10.66 -12.36 -9.61
C LYS A 123 -9.28 -12.88 -9.20
N VAL A 124 -8.48 -13.20 -10.21
CA VAL A 124 -7.22 -13.90 -10.05
C VAL A 124 -6.29 -13.46 -11.18
N LEU A 125 -5.01 -13.30 -10.89
CA LEU A 125 -4.03 -12.89 -11.90
C LEU A 125 -3.12 -14.04 -12.33
N THR A 126 -2.54 -13.92 -13.52
CA THR A 126 -1.57 -14.89 -14.03
C THR A 126 -0.23 -14.69 -13.31
N GLU A 127 0.59 -15.74 -13.29
CA GLU A 127 1.91 -15.65 -12.62
C GLU A 127 2.82 -14.53 -13.14
N PRO A 128 2.94 -14.35 -14.47
CA PRO A 128 3.79 -13.24 -14.96
C PRO A 128 3.35 -11.86 -14.46
N GLU A 129 2.03 -11.67 -14.35
CA GLU A 129 1.47 -10.44 -13.79
C GLU A 129 1.78 -10.28 -12.30
N VAL A 130 1.66 -11.39 -11.55
CA VAL A 130 1.98 -11.39 -10.13
C VAL A 130 3.45 -10.99 -9.93
N ARG A 131 4.35 -11.54 -10.74
CA ARG A 131 5.75 -11.13 -10.70
C ARG A 131 5.91 -9.64 -11.01
N TYR A 132 5.26 -9.20 -12.09
CA TYR A 132 5.32 -7.81 -12.54
C TYR A 132 4.97 -6.83 -11.40
N TYR A 133 3.81 -7.05 -10.80
CA TYR A 133 3.34 -6.20 -9.70
C TYR A 133 4.19 -6.36 -8.43
N LEU A 134 4.48 -7.59 -8.04
CA LEU A 134 5.23 -7.84 -6.80
C LEU A 134 6.64 -7.24 -6.81
N ARG A 135 7.35 -7.34 -7.94
CA ARG A 135 8.67 -6.74 -8.08
C ARG A 135 8.61 -5.25 -7.75
N GLN A 136 7.60 -4.58 -8.29
CA GLN A 136 7.40 -3.16 -8.06
C GLN A 136 7.04 -2.81 -6.62
N ILE A 137 6.20 -3.65 -6.00
CA ILE A 137 5.88 -3.47 -4.58
C ILE A 137 7.14 -3.60 -3.75
N VAL A 138 7.90 -4.66 -4.00
CA VAL A 138 9.16 -4.91 -3.31
C VAL A 138 10.13 -3.74 -3.52
N SER A 139 10.23 -3.24 -4.74
CA SER A 139 11.10 -2.08 -5.02
C SER A 139 10.78 -0.89 -4.11
N GLY A 140 9.51 -0.49 -4.07
CA GLY A 140 9.06 0.63 -3.22
C GLY A 140 9.21 0.36 -1.73
N LEU A 141 8.84 -0.85 -1.30
CA LEU A 141 8.93 -1.23 0.12
C LEU A 141 10.38 -1.24 0.62
N LYS A 142 11.27 -1.75 -0.23
CA LYS A 142 12.72 -1.71 0.02
C LYS A 142 13.16 -0.29 0.35
N TYR A 143 12.79 0.64 -0.53
CA TYR A 143 13.08 2.06 -0.36
C TYR A 143 12.59 2.58 0.99
N LEU A 144 11.35 2.23 1.34
CA LEU A 144 10.75 2.62 2.61
C LEU A 144 11.51 2.07 3.82
N HIS A 145 11.76 0.77 3.79
CA HIS A 145 12.47 0.07 4.87
C HIS A 145 13.89 0.59 5.11
N GLU A 146 14.54 1.08 4.04
CA GLU A 146 15.85 1.69 4.17
C GLU A 146 15.79 3.13 4.71
N GLN A 147 14.62 3.76 4.60
CA GLN A 147 14.33 5.04 5.25
C GLN A 147 13.92 4.82 6.71
N GLU A 148 13.95 3.54 7.14
CA GLU A 148 13.38 3.06 8.41
C GLU A 148 11.95 3.53 8.65
N ILE A 149 11.15 3.48 7.58
CA ILE A 149 9.72 3.73 7.65
C ILE A 149 9.00 2.41 7.40
N LEU A 150 8.07 2.07 8.29
CA LEU A 150 7.24 0.88 8.11
C LEU A 150 5.90 1.33 7.55
N HIS A 151 5.41 0.62 6.53
CA HIS A 151 4.15 1.01 5.90
C HIS A 151 2.95 0.73 6.80
N ARG A 152 2.86 -0.51 7.28
CA ARG A 152 1.87 -0.95 8.28
C ARG A 152 0.44 -1.15 7.78
N ASP A 153 0.19 -0.90 6.50
CA ASP A 153 -1.07 -1.33 5.89
C ASP A 153 -0.95 -1.64 4.41
N LEU A 154 -0.03 -2.53 4.08
CA LEU A 154 0.11 -3.00 2.72
C LEU A 154 -1.13 -3.80 2.35
N LYS A 155 -1.76 -3.40 1.25
CA LYS A 155 -2.95 -4.06 0.73
C LYS A 155 -3.11 -3.67 -0.72
N LEU A 156 -3.92 -4.43 -1.45
CA LEU A 156 -4.09 -4.21 -2.88
C LEU A 156 -4.61 -2.81 -3.20
N GLY A 157 -5.52 -2.31 -2.37
CA GLY A 157 -6.08 -0.97 -2.50
C GLY A 157 -5.07 0.17 -2.34
N ASN A 158 -3.92 -0.14 -1.75
CA ASN A 158 -2.85 0.84 -1.59
C ASN A 158 -1.72 0.70 -2.61
N PHE A 159 -1.94 -0.15 -3.61
CA PHE A 159 -1.04 -0.24 -4.75
C PHE A 159 -1.71 0.46 -5.92
N PHE A 160 -1.28 1.70 -6.13
CA PHE A 160 -1.90 2.57 -7.11
C PHE A 160 -1.22 2.37 -8.45
N ILE A 161 -2.02 2.43 -9.52
CA ILE A 161 -1.53 2.13 -10.87
C ILE A 161 -1.73 3.33 -11.80
N ASN A 162 -0.65 3.79 -12.42
CA ASN A 162 -0.73 4.94 -13.33
C ASN A 162 -1.12 4.58 -14.78
N GLU A 163 -1.15 5.60 -15.64
CA GLU A 163 -1.54 5.45 -17.05
C GLU A 163 -0.69 4.41 -17.79
N SER A 164 0.60 4.39 -17.46
CA SER A 164 1.58 3.48 -18.08
C SER A 164 1.73 2.14 -17.35
N MET A 165 0.71 1.79 -16.56
CA MET A 165 0.64 0.53 -15.80
C MET A 165 1.78 0.31 -14.79
N GLU A 166 2.32 1.42 -14.29
CA GLU A 166 3.35 1.40 -13.25
C GLU A 166 2.70 1.49 -11.85
N LEU A 167 3.21 0.67 -10.94
CA LEU A 167 2.68 0.57 -9.57
C LEU A 167 3.41 1.48 -8.60
N LYS A 168 2.63 2.18 -7.78
CA LYS A 168 3.15 3.01 -6.71
C LYS A 168 2.46 2.63 -5.40
N VAL A 169 3.28 2.32 -4.38
CA VAL A 169 2.77 2.06 -3.03
C VAL A 169 2.38 3.37 -2.39
N GLY A 170 1.16 3.44 -1.87
CA GLY A 170 0.71 4.65 -1.21
C GLY A 170 -0.14 4.46 0.01
N ASP A 171 -0.84 5.51 0.37
CA ASP A 171 -1.52 5.66 1.64
C ASP A 171 -0.80 5.43 2.98
N PHE A 172 -0.09 6.44 3.39
CA PHE A 172 0.80 6.35 4.56
C PHE A 172 0.09 6.82 5.82
N GLY A 173 -1.08 6.24 6.08
CA GLY A 173 -1.95 6.71 7.14
C GLY A 173 -1.83 5.88 8.40
N LEU A 174 -1.13 4.75 8.29
CA LEU A 174 -0.73 3.98 9.47
C LEU A 174 0.78 3.84 9.54
N ALA A 175 1.48 4.55 8.67
CA ALA A 175 2.93 4.44 8.58
C ALA A 175 3.61 5.05 9.79
N ALA A 176 4.71 4.43 10.20
CA ALA A 176 5.50 4.92 11.32
C ALA A 176 6.97 4.59 11.12
N ARG A 177 7.82 5.36 11.79
CA ARG A 177 9.25 5.06 11.81
C ARG A 177 9.47 3.81 12.65
N LEU A 178 10.51 3.05 12.31
CA LEU A 178 10.84 1.83 13.02
C LEU A 178 11.25 2.13 14.46
N GLU A 179 10.82 1.27 15.38
CA GLU A 179 11.15 1.37 16.80
C GLU A 179 11.82 0.10 17.29
N PRO A 180 12.84 0.25 18.17
CA PRO A 180 13.42 -0.92 18.84
C PRO A 180 12.37 -1.58 19.74
N LEU A 181 12.44 -2.91 19.86
CA LEU A 181 11.45 -3.70 20.61
C LEU A 181 11.25 -3.22 22.05
N GLU A 182 12.31 -2.67 22.65
CA GLU A 182 12.31 -2.23 24.05
C GLU A 182 11.45 -1.00 24.33
N HIS A 183 11.20 -0.17 23.30
CA HIS A 183 10.39 1.04 23.46
C HIS A 183 9.18 1.05 22.53
N ARG A 184 9.07 0.02 21.70
CA ARG A 184 8.06 -0.10 20.64
C ARG A 184 6.61 -0.04 21.15
N ARG A 185 5.72 0.49 20.31
CA ARG A 185 4.28 0.41 20.53
C ARG A 185 3.85 -1.06 20.43
N ARG A 186 3.09 -1.52 21.42
CA ARG A 186 2.68 -2.92 21.47
C ARG A 186 1.19 -3.11 21.15
N THR A 187 0.45 -2.00 21.10
CA THR A 187 -0.97 -2.03 20.74
C THR A 187 -1.17 -1.99 19.23
N ILE A 188 -2.23 -2.64 18.74
CA ILE A 188 -2.65 -2.56 17.36
C ILE A 188 -2.84 -1.15 16.82
N CYS A 189 -2.12 -0.82 15.77
CA CYS A 189 -2.23 0.48 15.16
C CYS A 189 -3.24 0.38 14.02
N GLY A 190 -4.21 1.24 14.06
CA GLY A 190 -5.34 1.22 13.20
C GLY A 190 -5.99 -0.09 13.01
N THR A 191 -6.55 -0.24 11.85
CA THR A 191 -7.14 -1.51 11.48
C THR A 191 -6.64 -1.97 10.10
N PRO A 192 -5.42 -2.54 10.07
CA PRO A 192 -4.80 -2.95 8.82
C PRO A 192 -5.55 -4.11 8.18
N ASN A 193 -5.23 -4.39 6.92
CA ASN A 193 -5.83 -5.48 6.21
C ASN A 193 -5.34 -6.84 6.75
N TYR A 194 -4.05 -6.91 7.10
CA TYR A 194 -3.42 -8.19 7.48
C TYR A 194 -2.63 -8.18 8.79
N LEU A 195 -3.29 -8.49 9.91
CA LEU A 195 -2.63 -8.73 11.22
C LEU A 195 -1.51 -9.81 10.92
N SER A 196 -0.11 -9.42 11.11
CA SER A 196 0.75 -10.51 11.77
C SER A 196 0.58 -11.15 13.16
N PRO A 197 1.11 -12.40 13.28
CA PRO A 197 1.29 -13.15 14.53
C PRO A 197 1.98 -12.31 15.60
N GLU A 198 3.12 -11.70 15.28
CA GLU A 198 3.87 -10.90 16.25
C GLU A 198 3.04 -9.71 16.78
N VAL A 199 2.30 -9.03 15.89
CA VAL A 199 1.43 -7.93 16.31
C VAL A 199 0.30 -8.43 17.22
N LEU A 200 -0.24 -9.59 16.89
CA LEU A 200 -1.26 -10.23 17.72
C LEU A 200 -0.70 -10.80 19.03
N ASN A 201 0.62 -11.00 19.07
CA ASN A 201 1.30 -11.43 20.29
C ASN A 201 1.84 -10.23 21.09
N LYS A 202 1.35 -9.04 20.73
CA LYS A 202 1.69 -7.77 21.38
C LYS A 202 3.19 -7.45 21.34
N GLN A 203 3.84 -7.83 20.23
CA GLN A 203 5.27 -7.59 20.01
C GLN A 203 5.48 -6.34 19.15
N GLY A 204 4.39 -5.75 18.68
CA GLY A 204 4.46 -4.59 17.81
C GLY A 204 4.78 -4.96 16.37
N HIS A 205 4.78 -3.95 15.51
CA HIS A 205 4.92 -4.11 14.07
C HIS A 205 6.34 -3.76 13.63
N GLY A 206 7.06 -4.74 13.10
CA GLY A 206 8.40 -4.52 12.53
C GLY A 206 8.39 -4.64 11.02
N ALA A 207 9.57 -4.55 10.41
CA ALA A 207 9.68 -4.73 8.95
C ALA A 207 9.12 -6.09 8.50
N GLU A 208 9.34 -7.11 9.32
CA GLU A 208 8.85 -8.47 9.03
C GLU A 208 7.32 -8.54 8.99
N SER A 209 6.67 -7.62 9.70
CA SER A 209 5.22 -7.50 9.68
C SER A 209 4.71 -6.96 8.33
N ASP A 210 5.49 -6.10 7.69
CA ASP A 210 5.21 -5.69 6.30
C ASP A 210 5.42 -6.87 5.36
N ILE A 211 6.41 -7.70 5.65
CA ILE A 211 6.67 -8.90 4.84
C ILE A 211 5.50 -9.87 4.93
N TRP A 212 4.92 -10.02 6.14
CA TRP A 212 3.69 -10.83 6.34
C TRP A 212 2.83 -10.68 5.08
N ALA A 213 2.66 -9.48 4.54
CA ALA A 213 1.47 -8.67 4.64
C ALA A 213 1.57 -8.80 3.10
N LEU A 214 2.83 -8.71 2.64
CA LEU A 214 3.25 -9.05 1.28
C LEU A 214 2.96 -10.52 0.93
N GLY A 215 3.19 -11.43 1.88
CA GLY A 215 2.81 -12.83 1.70
C GLY A 215 1.30 -12.97 1.49
N CYS A 216 0.53 -12.27 2.31
CA CYS A 216 -0.93 -12.24 2.17
C CYS A 216 -1.36 -11.67 0.81
N VAL A 217 -0.72 -10.58 0.41
CA VAL A 217 -0.91 -9.96 -0.91
C VAL A 217 -0.69 -10.97 -2.06
N MET A 218 0.42 -11.70 -1.99
CA MET A 218 0.77 -12.63 -3.09
C MET A 218 -0.26 -13.76 -3.21
N TYR A 219 -0.62 -14.32 -2.06
CA TYR A 219 -1.65 -15.33 -1.95
C TYR A 219 -2.96 -14.84 -2.60
N THR A 220 -3.39 -13.65 -2.21
CA THR A 220 -4.62 -13.04 -2.72
C THR A 220 -4.56 -12.79 -4.23
N MET A 221 -3.42 -12.33 -4.74
CA MET A 221 -3.25 -12.09 -6.18
C MET A 221 -3.47 -13.37 -7.00
N LEU A 222 -2.96 -14.49 -6.47
CA LEU A 222 -2.99 -15.77 -7.15
C LEU A 222 -4.28 -16.55 -6.92
N LEU A 223 -4.92 -16.36 -5.78
CA LEU A 223 -6.09 -17.15 -5.39
C LEU A 223 -7.40 -16.37 -5.30
N GLY A 224 -7.32 -15.06 -5.15
CA GLY A 224 -8.51 -14.20 -5.11
C GLY A 224 -9.16 -14.03 -3.74
N ARG A 225 -8.55 -14.64 -2.72
CA ARG A 225 -9.02 -14.55 -1.34
C ARG A 225 -7.81 -14.62 -0.41
N PRO A 226 -7.90 -14.04 0.79
CA PRO A 226 -6.74 -14.02 1.69
C PRO A 226 -6.54 -15.38 2.39
N PRO A 227 -5.29 -15.66 2.86
CA PRO A 227 -5.02 -16.92 3.57
C PRO A 227 -5.68 -17.00 4.95
N PHE A 228 -5.89 -15.85 5.58
CA PHE A 228 -6.58 -15.76 6.86
C PHE A 228 -7.71 -14.76 6.74
N GLU A 229 -8.72 -14.91 7.60
CA GLU A 229 -9.79 -13.94 7.68
C GLU A 229 -9.26 -12.54 7.95
N THR A 230 -9.92 -11.56 7.33
CA THR A 230 -9.49 -10.16 7.41
C THR A 230 -10.51 -9.30 8.15
N THR A 231 -11.36 -9.95 8.94
CA THR A 231 -12.35 -9.25 9.76
C THR A 231 -11.74 -8.55 10.98
N ASN A 232 -10.53 -8.97 11.34
CA ASN A 232 -9.80 -8.44 12.50
C ASN A 232 -10.55 -8.66 13.83
N LEU A 233 -11.51 -9.59 13.80
CA LEU A 233 -12.26 -10.02 14.98
C LEU A 233 -11.36 -10.86 15.88
N LYS A 234 -11.58 -10.83 17.20
CA LYS A 234 -10.73 -11.60 18.13
C LYS A 234 -10.80 -13.11 17.89
N GLU A 235 -11.91 -13.56 17.33
CA GLU A 235 -12.12 -14.98 16.99
C GLU A 235 -11.15 -15.52 15.92
N THR A 236 -10.53 -14.62 15.16
CA THR A 236 -9.58 -14.98 14.09
C THR A 236 -8.14 -15.07 14.57
N TYR A 237 -7.89 -14.58 15.78
CA TYR A 237 -6.53 -14.39 16.29
C TYR A 237 -5.71 -15.67 16.39
N ARG A 238 -6.34 -16.74 16.88
CA ARG A 238 -5.65 -18.03 17.04
C ARG A 238 -5.15 -18.59 15.71
N SER A 239 -5.99 -18.54 14.67
CA SER A 239 -5.61 -19.05 13.35
C SER A 239 -4.37 -18.32 12.79
N ILE A 240 -4.32 -17.01 12.99
CA ILE A 240 -3.21 -16.19 12.50
C ILE A 240 -1.92 -16.49 13.27
N ARG A 241 -2.05 -16.65 14.58
CA ARG A 241 -0.90 -16.76 15.45
C ARG A 241 -0.18 -18.17 15.56
N GLU A 242 -1.00 -19.32 15.56
CA GLU A 242 -0.65 -20.49 14.66
C GLU A 242 -0.17 -20.36 13.20
N ALA A 243 -0.57 -19.33 12.45
CA ALA A 243 -0.19 -19.24 11.03
C ALA A 243 -0.44 -20.55 10.25
N ARG A 244 -1.56 -21.19 10.56
CA ARG A 244 -2.01 -22.37 9.82
C ARG A 244 -3.11 -21.93 8.85
N TYR A 245 -2.98 -22.35 7.60
CA TYR A 245 -3.88 -21.95 6.53
C TYR A 245 -3.97 -23.02 5.45
N THR A 246 -4.90 -22.85 4.54
CA THR A 246 -5.03 -23.72 3.41
C THR A 246 -4.08 -23.33 2.33
N MET A 247 -3.26 -24.27 1.90
CA MET A 247 -2.40 -24.07 0.73
C MET A 247 -3.00 -24.79 -0.45
N PRO A 248 -3.74 -24.06 -1.30
CA PRO A 248 -4.47 -24.71 -2.39
C PRO A 248 -3.54 -25.40 -3.38
N SER A 249 -4.00 -26.52 -3.92
CA SER A 249 -3.21 -27.32 -4.85
C SER A 249 -3.02 -26.62 -6.18
N SER A 250 -3.86 -25.63 -6.47
CA SER A 250 -3.82 -24.89 -7.74
C SER A 250 -2.55 -24.07 -7.89
N LEU A 251 -1.91 -23.75 -6.77
CA LEU A 251 -0.64 -23.04 -6.77
C LEU A 251 0.49 -23.88 -7.38
N LEU A 252 1.33 -23.24 -8.19
CA LEU A 252 2.53 -23.91 -8.67
C LEU A 252 3.56 -23.98 -7.53
N ALA A 253 4.44 -24.99 -7.59
CA ALA A 253 5.36 -25.26 -6.48
C ALA A 253 6.19 -24.04 -6.01
N PRO A 254 6.83 -23.31 -6.95
CA PRO A 254 7.60 -22.14 -6.50
C PRO A 254 6.75 -21.06 -5.80
N ALA A 255 5.54 -20.80 -6.30
CA ALA A 255 4.64 -19.84 -5.67
C ALA A 255 4.30 -20.31 -4.25
N LYS A 256 4.00 -21.60 -4.13
CA LYS A 256 3.73 -22.24 -2.85
C LYS A 256 4.88 -22.02 -1.87
N HIS A 257 6.11 -22.28 -2.33
CA HIS A 257 7.30 -22.16 -1.48
C HIS A 257 7.56 -20.72 -1.03
N LEU A 258 7.35 -19.76 -1.93
CA LEU A 258 7.56 -18.35 -1.58
C LEU A 258 6.50 -17.84 -0.60
N ILE A 259 5.23 -18.19 -0.85
CA ILE A 259 4.15 -17.86 0.10
C ILE A 259 4.70 -18.06 1.53
N ALA A 260 5.45 -19.11 1.81
CA ALA A 260 5.05 -20.20 2.65
C ALA A 260 6.13 -19.63 3.59
N SER A 261 7.20 -19.14 2.96
CA SER A 261 8.30 -18.45 3.64
C SER A 261 7.89 -17.07 4.17
N MET A 262 7.15 -16.30 3.38
CA MET A 262 6.71 -14.97 3.83
C MET A 262 5.70 -15.01 5.00
N LEU A 263 5.01 -16.12 5.09
CA LEU A 263 4.00 -16.33 6.12
C LEU A 263 4.48 -17.33 7.21
N SER A 264 5.77 -17.56 7.26
CA SER A 264 6.44 -18.00 8.47
C SER A 264 5.88 -17.42 9.74
N LYS A 265 5.61 -18.28 10.70
CA LYS A 265 5.03 -17.92 11.99
C LYS A 265 5.98 -17.00 12.77
N ASN A 266 7.23 -17.41 12.91
CA ASN A 266 8.27 -16.60 13.55
C ASN A 266 8.76 -15.54 12.55
N PRO A 267 8.57 -14.25 12.88
CA PRO A 267 9.03 -13.18 11.98
C PRO A 267 10.51 -13.30 11.57
N GLU A 268 11.36 -13.77 12.48
CA GLU A 268 12.78 -14.02 12.18
C GLU A 268 13.03 -15.00 11.01
N ASP A 269 12.06 -15.90 10.76
CA ASP A 269 12.20 -16.92 9.72
C ASP A 269 11.82 -16.47 8.30
N ARG A 270 11.19 -15.30 8.21
CA ARG A 270 10.76 -14.74 6.93
C ARG A 270 11.95 -14.22 6.12
N PRO A 271 11.85 -14.31 4.77
CA PRO A 271 12.97 -13.84 3.93
C PRO A 271 13.14 -12.33 3.94
N SER A 272 14.32 -11.86 3.55
CA SER A 272 14.54 -10.44 3.31
C SER A 272 13.92 -10.06 1.97
N LEU A 273 13.82 -8.76 1.72
CA LEU A 273 13.26 -8.29 0.45
C LEU A 273 14.11 -8.70 -0.74
N ASP A 274 15.44 -8.64 -0.57
CA ASP A 274 16.37 -9.13 -1.59
C ASP A 274 16.23 -10.62 -1.88
N ASP A 275 16.03 -11.42 -0.83
CA ASP A 275 15.72 -12.85 -0.98
C ASP A 275 14.43 -13.05 -1.79
N ILE A 276 13.41 -12.27 -1.49
CA ILE A 276 12.08 -12.44 -2.09
C ILE A 276 12.10 -12.34 -3.62
N ILE A 277 12.70 -11.28 -4.16
CA ILE A 277 12.78 -11.08 -5.61
C ILE A 277 13.78 -12.01 -6.31
N ARG A 278 14.59 -12.73 -5.53
CA ARG A 278 15.55 -13.69 -6.08
C ARG A 278 15.08 -15.13 -5.90
N HIS A 279 13.87 -15.30 -5.38
CA HIS A 279 13.26 -16.62 -5.22
C HIS A 279 12.99 -17.24 -6.59
N ASP A 280 13.03 -18.57 -6.66
CA ASP A 280 12.70 -19.30 -7.90
C ASP A 280 11.38 -18.88 -8.56
N PHE A 281 10.42 -18.43 -7.75
CA PHE A 281 9.15 -17.93 -8.28
C PHE A 281 9.37 -16.80 -9.29
N PHE A 282 10.35 -15.93 -8.99
CA PHE A 282 10.68 -14.81 -9.87
C PHE A 282 11.68 -15.19 -10.97
N THR A 283 12.68 -15.98 -10.61
CA THR A 283 13.82 -16.20 -11.49
C THR A 283 13.57 -17.25 -12.58
N GLN A 284 12.64 -18.17 -12.32
CA GLN A 284 12.39 -19.28 -13.23
C GLN A 284 11.15 -19.10 -14.12
N GLY A 285 10.53 -17.92 -14.03
CA GLY A 285 9.37 -17.61 -14.86
C GLY A 285 9.56 -16.39 -15.75
N PHE A 286 8.69 -16.25 -16.76
CA PHE A 286 8.67 -15.07 -17.61
C PHE A 286 8.07 -13.89 -16.84
N THR A 287 8.73 -12.73 -16.93
CA THR A 287 8.16 -11.47 -16.46
C THR A 287 8.39 -10.37 -17.50
N PRO A 288 7.29 -9.79 -18.01
CA PRO A 288 7.45 -8.82 -19.12
C PRO A 288 7.42 -7.32 -18.53
N ASP A 289 7.90 -6.41 -19.34
CA ASP A 289 8.73 -5.34 -18.88
C ASP A 289 7.63 -4.30 -18.60
N ARG A 290 6.48 -4.48 -19.24
CA ARG A 290 5.47 -3.47 -19.44
C ARG A 290 4.23 -4.29 -19.48
N LEU A 291 3.24 -3.94 -18.73
CA LEU A 291 1.99 -4.65 -18.83
C LEU A 291 1.01 -3.78 -19.60
N SER A 292 0.20 -4.40 -20.44
CA SER A 292 -0.85 -3.69 -21.15
C SER A 292 -2.02 -3.38 -20.20
N SER A 293 -2.67 -2.26 -20.45
CA SER A 293 -3.83 -1.83 -19.67
C SER A 293 -5.02 -2.78 -19.80
N SER A 294 -5.00 -3.63 -20.83
CA SER A 294 -6.02 -4.65 -21.00
C SER A 294 -6.06 -5.58 -19.79
N CYS A 295 -4.92 -5.74 -19.12
CA CYS A 295 -4.81 -6.60 -17.94
C CYS A 295 -5.64 -6.15 -16.74
N CYS A 296 -6.12 -4.90 -16.75
CA CYS A 296 -7.08 -4.42 -15.75
C CYS A 296 -8.43 -5.14 -15.94
N HIS A 297 -8.54 -5.74 -17.12
CA HIS A 297 -9.76 -6.07 -17.85
C HIS A 297 -9.85 -7.56 -18.06
N THR A 298 -8.85 -8.04 -18.82
CA THR A 298 -8.88 -9.31 -19.53
C THR A 298 -7.61 -10.08 -19.17
N VAL A 299 -7.70 -11.40 -19.14
CA VAL A 299 -6.49 -12.20 -18.94
C VAL A 299 -5.57 -12.16 -20.17
N PRO A 300 -4.28 -11.87 -19.95
CA PRO A 300 -3.32 -11.73 -21.04
C PRO A 300 -3.04 -13.04 -21.78
N ASP A 301 -2.43 -12.92 -22.96
CA ASP A 301 -2.05 -14.07 -23.77
C ASP A 301 -0.92 -14.85 -23.11
N PHE A 302 -0.94 -16.15 -23.31
CA PHE A 302 0.19 -17.00 -22.98
C PHE A 302 1.50 -16.52 -23.65
O23 1D1 B . -3.51 8.06 -2.49
C13 1D1 B . -4.22 8.10 -3.52
N12 1D1 B . -3.62 8.40 -4.76
C24 1D1 B . -2.18 8.63 -4.84
C9 1D1 B . -4.42 8.47 -5.93
C8 1D1 B . -3.89 8.75 -7.18
N7 1D1 B . -4.69 8.79 -8.25
C14 1D1 B . -5.67 7.91 -3.35
C21 1D1 B . -6.10 9.13 -2.52
C22 1D1 B . -5.92 10.47 -3.24
N15 1D1 B . -6.48 7.94 -4.58
C16 1D1 B . -7.94 7.67 -4.59
C20 1D1 B . -8.88 8.88 -4.57
C19 1D1 B . -10.22 8.29 -4.09
C18 1D1 B . -9.91 7.01 -3.33
C17 1D1 B . -8.41 6.76 -3.44
C10 1D1 B . -5.88 8.22 -5.83
N11 1D1 B . -6.62 8.29 -6.95
C6 1D1 B . -6.03 8.57 -8.14
C2 1D1 B . -6.89 8.64 -9.36
C3 1D1 B . -6.65 9.12 -10.63
C4 1D1 B . -7.84 8.94 -11.31
C5 1D1 B . -8.74 8.39 -10.42
N1 1D1 B . -8.15 8.22 -9.22
#